data_6NNU
#
_entry.id   6NNU
#
_cell.length_a   43.690
_cell.length_b   54.720
_cell.length_c   173.690
_cell.angle_alpha   90.00
_cell.angle_beta   90.00
_cell.angle_gamma   90.00
#
_symmetry.space_group_name_H-M   'P 21 21 21'
#
loop_
_entity.id
_entity.type
_entity.pdbx_description
1 polymer Phosphoglucomutase
2 non-polymer 'CALCIUM ION'
3 non-polymer 1,6-di-O-phosphono-alpha-D-glucopyranose
4 non-polymer DI(HYDROXYETHYL)ETHER
5 water water
#
_entity_poly.entity_id   1
_entity_poly.type   'polypeptide(L)'
_entity_poly.pdbx_seq_one_letter_code
;MGSSHHHHHHSSENLYFQSHMTLPAFKAYDIRGRVPDELNEDLARRIGVALAAQLDQGPVVLGHDVRLASPALQEALSAG
LRASGRDVIDIGLCGTEEVYFQTDYLKAAGGVMVTA(SEP)HNPMDYNGMKLVREQARPISSDTGLFAIRDTVAADTAAP
GEPTASEQSRTDKTAYLEHLLSYVDRSTLKPLKLVVNAGNGGAGLIVDLLAPHLPFEFVRVFHEPDGNFPNGIPNPLLPE
NRDATAKAVKDNGADFGIAWDGDFDRCFFFDHTGRFIEGYYLVGLLAQAILAKQPGGKVVHDPRLTWNTVEQVEEAGGIP
VLCKSGHAFIKEKMRSENAVYGGEMSAHHYFREFAYADSGMIPWLLIAELVSQSGRSLADLVEARMQKFPCSGEINFKVA
DAKASVARVMEHYASLSPELDYTDGISADFGQWRFNLRSSNTEPLLRLNVETRGDAALLETRTQEISNLLRG
;
_entity_poly.pdbx_strand_id   A
#
# COMPACT_ATOMS: atom_id res chain seq x y z
N MET A 21 25.37 18.07 1.80
N MET A 21 25.99 17.32 1.96
CA MET A 21 24.59 16.90 2.15
CA MET A 21 24.70 16.68 2.22
C MET A 21 24.01 16.23 0.92
C MET A 21 24.01 16.23 0.93
N THR A 22 22.82 15.64 1.07
CA THR A 22 22.09 15.06 -0.05
C THR A 22 20.65 15.53 0.02
N LEU A 23 19.98 15.51 -1.13
CA LEU A 23 18.59 15.97 -1.19
C LEU A 23 17.73 15.12 -0.25
N PRO A 24 17.12 15.71 0.79
CA PRO A 24 16.37 14.90 1.77
C PRO A 24 15.13 14.26 1.21
N ALA A 25 14.56 14.79 0.12
CA ALA A 25 13.29 14.27 -0.37
C ALA A 25 13.43 12.85 -0.90
N PHE A 26 14.62 12.43 -1.30
CA PHE A 26 14.80 11.10 -1.87
C PHE A 26 14.91 10.10 -0.72
N LYS A 27 13.86 9.30 -0.53
CA LYS A 27 13.79 8.32 0.55
C LYS A 27 14.08 6.93 -0.01
N ALA A 28 13.90 5.92 0.83
CA ALA A 28 14.20 4.55 0.41
C ALA A 28 13.31 4.09 -0.73
N TYR A 29 12.02 4.44 -0.68
CA TYR A 29 11.06 3.88 -1.64
C TYR A 29 10.46 4.91 -2.59
N ASP A 30 10.58 6.19 -2.29
CA ASP A 30 9.87 7.20 -3.05
C ASP A 30 10.53 8.55 -2.77
N ILE A 31 9.96 9.58 -3.37
CA ILE A 31 10.38 10.96 -3.13
C ILE A 31 9.25 11.62 -2.34
N ARG A 32 9.61 12.29 -1.24
N ARG A 32 9.62 12.31 -1.26
CA ARG A 32 8.66 12.98 -0.39
CA ARG A 32 8.60 13.03 -0.49
C ARG A 32 9.36 14.17 0.25
C ARG A 32 9.28 14.13 0.28
N GLY A 33 8.71 15.33 0.22
CA GLY A 33 9.33 16.44 0.92
C GLY A 33 8.43 17.66 0.92
N ARG A 34 8.84 18.63 1.74
CA ARG A 34 8.11 19.88 1.82
C ARG A 34 8.37 20.72 0.56
N VAL A 35 7.31 21.32 0.05
N VAL A 35 7.31 21.36 0.09
CA VAL A 35 7.43 22.24 -1.07
CA VAL A 35 7.37 22.26 -1.07
C VAL A 35 7.52 23.66 -0.51
C VAL A 35 7.46 23.69 -0.55
N PRO A 36 8.37 24.52 -1.07
CA PRO A 36 9.28 24.25 -2.18
C PRO A 36 10.73 23.95 -1.82
N ASP A 37 11.06 23.79 -0.54
CA ASP A 37 12.47 23.69 -0.19
C ASP A 37 13.04 22.29 -0.35
N GLU A 38 12.21 21.26 -0.26
CA GLU A 38 12.66 19.90 -0.48
C GLU A 38 12.18 19.32 -1.80
N LEU A 39 11.13 19.90 -2.38
CA LEU A 39 10.60 19.44 -3.65
C LEU A 39 9.90 20.64 -4.30
N ASN A 40 10.08 20.79 -5.61
CA ASN A 40 9.57 21.94 -6.33
C ASN A 40 9.58 21.63 -7.81
N GLU A 41 9.12 22.60 -8.62
CA GLU A 41 8.98 22.34 -10.04
C GLU A 41 10.32 22.18 -10.73
N ASP A 42 11.36 22.90 -10.28
CA ASP A 42 12.68 22.74 -10.88
C ASP A 42 13.23 21.36 -10.61
N LEU A 43 13.17 20.92 -9.35
CA LEU A 43 13.58 19.55 -9.01
C LEU A 43 12.74 18.53 -9.78
N ALA A 44 11.43 18.77 -9.91
CA ALA A 44 10.58 17.81 -10.62
C ALA A 44 11.00 17.69 -12.07
N ARG A 45 11.29 18.81 -12.72
N ARG A 45 11.30 18.81 -12.72
CA ARG A 45 11.76 18.76 -14.10
CA ARG A 45 11.76 18.76 -14.10
C ARG A 45 13.07 18.00 -14.20
C ARG A 45 13.08 18.03 -14.22
N ARG A 46 14.01 18.28 -13.28
CA ARG A 46 15.28 17.59 -13.30
C ARG A 46 15.10 16.10 -13.05
N ILE A 47 14.13 15.73 -12.19
CA ILE A 47 13.81 14.32 -11.98
C ILE A 47 13.34 13.68 -13.28
N GLY A 48 12.51 14.39 -14.04
CA GLY A 48 12.09 13.86 -15.33
C GLY A 48 13.26 13.62 -16.27
N VAL A 49 14.20 14.56 -16.33
CA VAL A 49 15.39 14.37 -17.17
C VAL A 49 16.17 13.15 -16.71
N ALA A 50 16.41 13.06 -15.40
CA ALA A 50 17.21 11.96 -14.86
C ALA A 50 16.51 10.62 -15.06
N LEU A 51 15.19 10.61 -14.92
CA LEU A 51 14.45 9.37 -15.09
C LEU A 51 14.53 8.86 -16.52
N ALA A 52 14.44 9.77 -17.50
CA ALA A 52 14.59 9.38 -18.90
C ALA A 52 15.88 8.59 -19.14
N ALA A 53 16.94 8.94 -18.42
CA ALA A 53 18.24 8.28 -18.63
C ALA A 53 18.30 6.90 -17.98
N GLN A 54 17.40 6.60 -17.04
CA GLN A 54 17.43 5.35 -16.31
C GLN A 54 16.57 4.27 -16.93
N LEU A 55 15.62 4.64 -17.80
CA LEU A 55 14.64 3.69 -18.27
C LEU A 55 15.05 3.08 -19.60
N ASP A 56 14.55 1.87 -19.84
N ASP A 56 14.48 1.91 -19.88
CA ASP A 56 14.56 1.33 -21.18
CA ASP A 56 14.53 1.34 -21.21
C ASP A 56 13.66 2.18 -22.06
C ASP A 56 13.69 2.19 -22.16
N GLN A 57 13.71 1.95 -23.37
N GLN A 57 13.56 1.73 -23.39
CA GLN A 57 12.99 2.82 -24.30
CA GLN A 57 12.87 2.49 -24.43
C GLN A 57 11.49 2.58 -24.22
C GLN A 57 11.37 2.54 -24.13
N GLY A 58 10.74 3.64 -24.50
CA GLY A 58 9.30 3.67 -24.42
C GLY A 58 8.79 4.93 -23.76
N PRO A 59 7.48 5.09 -23.75
CA PRO A 59 6.87 6.29 -23.17
C PRO A 59 6.77 6.17 -21.67
N VAL A 60 6.42 7.29 -21.03
CA VAL A 60 6.29 7.34 -19.58
C VAL A 60 4.89 7.80 -19.20
N VAL A 61 4.26 7.05 -18.31
CA VAL A 61 2.91 7.34 -17.82
C VAL A 61 3.04 8.29 -16.63
N LEU A 62 2.24 9.36 -16.62
CA LEU A 62 2.20 10.28 -15.50
C LEU A 62 0.77 10.44 -15.00
N GLY A 63 0.62 10.40 -13.67
CA GLY A 63 -0.64 10.71 -13.03
C GLY A 63 -0.39 11.43 -11.72
N HIS A 64 -1.47 11.93 -11.11
CA HIS A 64 -1.31 12.74 -9.90
C HIS A 64 -2.54 12.59 -9.01
N ASP A 65 -2.35 12.93 -7.72
CA ASP A 65 -3.40 12.86 -6.71
C ASP A 65 -4.14 14.19 -6.60
N VAL A 66 -4.98 14.32 -5.56
CA VAL A 66 -5.87 15.47 -5.44
C VAL A 66 -5.21 16.71 -4.84
N ARG A 67 -3.95 16.63 -4.39
CA ARG A 67 -3.33 17.81 -3.77
C ARG A 67 -3.27 18.95 -4.78
N LEU A 68 -3.47 20.17 -4.28
CA LEU A 68 -3.57 21.32 -5.18
C LEU A 68 -2.32 21.51 -6.02
N ALA A 69 -1.15 21.25 -5.45
CA ALA A 69 0.11 21.46 -6.18
C ALA A 69 0.53 20.29 -7.05
N SER A 70 -0.13 19.14 -6.94
CA SER A 70 0.31 17.97 -7.72
C SER A 70 0.32 18.20 -9.22
N PRO A 71 -0.70 18.82 -9.85
CA PRO A 71 -0.63 18.98 -11.32
C PRO A 71 0.60 19.73 -11.79
N ALA A 72 1.02 20.78 -11.09
CA ALA A 72 2.19 21.53 -11.53
C ALA A 72 3.46 20.70 -11.44
N LEU A 73 3.58 19.85 -10.40
CA LEU A 73 4.73 18.96 -10.34
C LEU A 73 4.69 17.95 -11.48
N GLN A 74 3.50 17.45 -11.83
CA GLN A 74 3.42 16.54 -12.96
C GLN A 74 3.82 17.23 -14.25
N GLU A 75 3.33 18.45 -14.46
CA GLU A 75 3.69 19.18 -15.67
C GLU A 75 5.19 19.40 -15.78
N ALA A 76 5.85 19.64 -14.64
CA ALA A 76 7.30 19.81 -14.65
C ALA A 76 8.01 18.49 -14.99
N LEU A 77 7.55 17.38 -14.39
CA LEU A 77 8.06 16.08 -14.77
C LEU A 77 7.90 15.87 -16.27
N SER A 78 6.73 16.20 -16.80
CA SER A 78 6.48 16.01 -18.21
C SER A 78 7.44 16.86 -19.06
N ALA A 79 7.66 18.12 -18.66
CA ALA A 79 8.57 18.97 -19.43
C ALA A 79 9.96 18.37 -19.50
N GLY A 80 10.46 17.84 -18.37
CA GLY A 80 11.80 17.28 -18.37
C GLY A 80 11.88 15.99 -19.15
N LEU A 81 10.87 15.11 -18.99
CA LEU A 81 10.81 13.89 -19.78
C LEU A 81 10.79 14.20 -21.27
N ARG A 82 9.94 15.14 -21.67
CA ARG A 82 9.82 15.44 -23.10
C ARG A 82 11.05 16.15 -23.65
N ALA A 83 11.72 16.97 -22.83
CA ALA A 83 13.00 17.54 -23.25
C ALA A 83 14.02 16.45 -23.52
N SER A 84 13.86 15.30 -22.89
CA SER A 84 14.76 14.17 -23.07
C SER A 84 14.23 13.17 -24.09
N GLY A 85 13.26 13.57 -24.90
CA GLY A 85 12.77 12.72 -25.98
C GLY A 85 11.83 11.61 -25.58
N ARG A 86 11.24 11.66 -24.39
CA ARG A 86 10.27 10.67 -23.95
C ARG A 86 8.86 11.15 -24.26
N ASP A 87 8.10 10.35 -24.99
CA ASP A 87 6.67 10.57 -25.08
C ASP A 87 6.05 10.37 -23.70
N VAL A 88 5.08 11.23 -23.38
CA VAL A 88 4.41 11.21 -22.08
C VAL A 88 2.95 10.80 -22.30
N ILE A 89 2.47 9.90 -21.46
CA ILE A 89 1.06 9.48 -21.44
C ILE A 89 0.48 10.04 -20.14
N ASP A 90 -0.28 11.12 -20.26
CA ASP A 90 -0.87 11.80 -19.08
C ASP A 90 -2.21 11.13 -18.79
N ILE A 91 -2.28 10.36 -17.68
CA ILE A 91 -3.53 9.73 -17.27
C ILE A 91 -4.34 10.58 -16.31
N GLY A 92 -3.86 11.78 -15.97
CA GLY A 92 -4.64 12.72 -15.18
C GLY A 92 -4.74 12.39 -13.71
N LEU A 93 -5.78 12.96 -13.09
CA LEU A 93 -6.06 12.73 -11.68
C LEU A 93 -6.46 11.28 -11.48
N CYS A 94 -5.75 10.57 -10.61
CA CYS A 94 -5.90 9.12 -10.56
C CYS A 94 -5.39 8.60 -9.22
N GLY A 95 -5.58 7.29 -9.02
CA GLY A 95 -4.93 6.62 -7.93
C GLY A 95 -3.58 6.10 -8.34
N THR A 96 -2.73 5.88 -7.34
CA THR A 96 -1.40 5.35 -7.62
C THR A 96 -1.49 4.06 -8.41
N GLU A 97 -2.43 3.18 -8.07
CA GLU A 97 -2.55 1.92 -8.78
C GLU A 97 -2.88 2.09 -10.25
N GLU A 98 -3.49 3.22 -10.64
CA GLU A 98 -3.75 3.47 -12.05
C GLU A 98 -2.45 3.78 -12.79
N VAL A 99 -1.51 4.44 -12.13
CA VAL A 99 -0.20 4.60 -12.76
C VAL A 99 0.45 3.24 -12.96
N TYR A 100 0.41 2.39 -11.93
CA TYR A 100 0.96 1.04 -12.09
C TYR A 100 0.25 0.30 -13.20
N PHE A 101 -1.08 0.27 -13.17
CA PHE A 101 -1.81 -0.50 -14.17
C PHE A 101 -1.52 0.01 -15.57
N GLN A 102 -1.60 1.31 -15.77
CA GLN A 102 -1.43 1.82 -17.13
C GLN A 102 0.02 1.68 -17.60
N THR A 103 0.99 1.83 -16.71
CA THR A 103 2.38 1.61 -17.10
C THR A 103 2.55 0.20 -17.65
N ASP A 104 1.99 -0.78 -16.96
CA ASP A 104 2.11 -2.16 -17.43
C ASP A 104 1.23 -2.40 -18.65
N TYR A 105 -0.03 -1.97 -18.60
CA TYR A 105 -0.98 -2.29 -19.67
C TYR A 105 -0.54 -1.67 -20.99
N LEU A 106 -0.07 -0.43 -20.96
CA LEU A 106 0.38 0.23 -22.17
C LEU A 106 1.81 -0.11 -22.54
N LYS A 107 2.46 -1.03 -21.83
CA LYS A 107 3.82 -1.43 -22.15
C LYS A 107 4.76 -0.22 -22.18
N ALA A 108 4.56 0.68 -21.23
CA ALA A 108 5.39 1.88 -21.13
C ALA A 108 6.76 1.56 -20.53
N ALA A 109 7.69 2.48 -20.74
CA ALA A 109 9.02 2.34 -20.14
C ALA A 109 8.99 2.55 -18.63
N GLY A 110 8.00 3.29 -18.12
CA GLY A 110 7.95 3.57 -16.71
C GLY A 110 6.78 4.49 -16.43
N GLY A 111 6.67 4.89 -15.16
CA GLY A 111 5.59 5.76 -14.76
C GLY A 111 5.93 6.49 -13.48
N VAL A 112 5.27 7.62 -13.29
CA VAL A 112 5.42 8.39 -12.05
C VAL A 112 4.04 8.80 -11.58
N MET A 113 3.75 8.53 -10.32
CA MET A 113 2.57 9.07 -9.64
C MET A 113 3.02 10.21 -8.75
N VAL A 114 2.42 11.39 -8.91
CA VAL A 114 2.68 12.51 -8.03
C VAL A 114 1.66 12.41 -6.90
N THR A 115 2.15 12.14 -5.69
CA THR A 115 1.26 11.92 -4.55
C THR A 115 1.92 12.37 -3.25
N ALA A 116 1.12 12.99 -2.39
CA ALA A 116 1.60 13.48 -1.10
C ALA A 116 1.22 12.52 0.03
N HIS A 118 -0.33 11.04 3.06
CA HIS A 118 -0.92 11.77 4.19
C HIS A 118 0.06 12.72 4.88
N ASN A 119 1.07 13.15 4.12
CA ASN A 119 2.00 14.18 4.59
C ASN A 119 1.29 15.53 4.68
N PRO A 120 1.89 16.52 5.34
CA PRO A 120 1.20 17.79 5.57
C PRO A 120 0.84 18.51 4.27
N MET A 121 0.08 19.61 4.45
CA MET A 121 -0.49 20.34 3.31
C MET A 121 0.60 20.96 2.44
N ASP A 122 1.76 21.28 3.00
CA ASP A 122 2.85 21.87 2.24
C ASP A 122 3.85 20.82 1.73
N TYR A 123 3.45 19.56 1.67
CA TYR A 123 4.31 18.48 1.22
C TYR A 123 3.77 17.89 -0.07
N ASN A 124 4.63 17.19 -0.79
CA ASN A 124 4.21 16.41 -1.95
C ASN A 124 5.25 15.33 -2.17
N GLY A 125 5.10 14.56 -3.23
CA GLY A 125 6.02 13.46 -3.45
C GLY A 125 5.73 12.76 -4.75
N MET A 126 6.50 11.70 -5.00
CA MET A 126 6.42 10.96 -6.24
C MET A 126 6.75 9.51 -5.96
N LYS A 127 6.04 8.61 -6.65
CA LYS A 127 6.40 7.19 -6.67
C LYS A 127 6.74 6.81 -8.09
N LEU A 128 7.90 6.18 -8.30
CA LEU A 128 8.41 5.94 -9.63
C LEU A 128 8.50 4.45 -9.91
N VAL A 129 8.10 4.05 -11.12
CA VAL A 129 8.23 2.65 -11.54
C VAL A 129 8.83 2.61 -12.94
N ARG A 130 9.41 1.46 -13.28
N ARG A 130 9.41 1.46 -13.28
CA ARG A 130 9.90 1.21 -14.63
CA ARG A 130 9.90 1.21 -14.63
C ARG A 130 8.98 0.20 -15.32
C ARG A 130 8.97 0.21 -15.34
N GLU A 131 9.52 -0.60 -16.23
CA GLU A 131 8.72 -1.51 -17.04
C GLU A 131 7.95 -2.49 -16.14
N GLN A 132 6.75 -2.85 -16.59
N GLN A 132 6.76 -2.85 -16.59
CA GLN A 132 5.85 -3.72 -15.84
CA GLN A 132 5.83 -3.71 -15.84
C GLN A 132 5.55 -3.17 -14.44
C GLN A 132 5.52 -3.17 -14.45
N ALA A 133 5.65 -1.85 -14.27
CA ALA A 133 5.43 -1.21 -12.97
C ALA A 133 6.37 -1.73 -11.89
N ARG A 134 7.55 -2.19 -12.26
CA ARG A 134 8.52 -2.63 -11.26
C ARG A 134 9.01 -1.40 -10.48
N PRO A 135 9.15 -1.53 -9.16
CA PRO A 135 9.56 -0.37 -8.35
C PRO A 135 10.93 0.17 -8.70
N ILE A 136 11.06 1.49 -8.61
CA ILE A 136 12.36 2.17 -8.60
C ILE A 136 12.57 2.67 -7.19
N SER A 137 13.55 2.08 -6.50
CA SER A 137 13.82 2.34 -5.10
C SER A 137 15.25 2.83 -4.94
N SER A 138 15.62 3.16 -3.69
CA SER A 138 16.90 3.83 -3.42
C SER A 138 18.06 3.09 -4.07
N ASP A 139 18.06 1.76 -4.00
CA ASP A 139 19.16 0.95 -4.51
C ASP A 139 18.90 0.38 -5.88
N THR A 140 17.79 0.75 -6.52
CA THR A 140 17.45 0.27 -7.86
C THR A 140 17.15 1.44 -8.80
N GLY A 141 17.75 2.60 -8.54
CA GLY A 141 17.67 3.69 -9.49
C GLY A 141 17.31 5.02 -8.87
N LEU A 142 16.67 5.02 -7.69
CA LEU A 142 16.18 6.27 -7.13
C LEU A 142 17.33 7.14 -6.62
N PHE A 143 18.34 6.55 -5.99
CA PHE A 143 19.49 7.33 -5.57
C PHE A 143 20.36 7.71 -6.75
N ALA A 144 20.38 6.88 -7.81
CA ALA A 144 21.05 7.29 -9.03
C ALA A 144 20.38 8.53 -9.62
N ILE A 145 19.05 8.52 -9.67
CA ILE A 145 18.34 9.71 -10.10
C ILE A 145 18.68 10.89 -9.20
N ARG A 146 18.62 10.69 -7.88
CA ARG A 146 18.96 11.77 -6.95
C ARG A 146 20.31 12.37 -7.26
N ASP A 147 21.33 11.51 -7.45
CA ASP A 147 22.68 12.01 -7.69
C ASP A 147 22.76 12.77 -9.01
N THR A 148 22.05 12.30 -10.04
CA THR A 148 22.02 13.02 -11.30
C THR A 148 21.35 14.38 -11.14
N VAL A 149 20.19 14.41 -10.47
CA VAL A 149 19.49 15.66 -10.22
C VAL A 149 20.37 16.62 -9.43
N ALA A 150 21.08 16.11 -8.44
CA ALA A 150 21.87 16.94 -7.54
C ALA A 150 22.97 17.67 -8.29
N ALA A 151 23.59 17.00 -9.27
CA ALA A 151 24.70 17.57 -10.03
C ALA A 151 24.25 18.32 -11.28
N ASP A 152 22.97 18.31 -11.61
CA ASP A 152 22.49 18.80 -12.90
C ASP A 152 22.33 20.32 -12.85
N THR A 153 23.22 21.03 -13.53
CA THR A 153 23.13 22.47 -13.72
C THR A 153 22.89 22.85 -15.18
N ALA A 154 22.45 21.90 -16.00
CA ALA A 154 22.25 22.17 -17.43
C ALA A 154 21.05 23.07 -17.63
N ALA A 155 21.10 23.85 -18.71
CA ALA A 155 19.93 24.61 -19.11
C ALA A 155 18.81 23.65 -19.50
N PRO A 156 17.57 23.95 -19.15
CA PRO A 156 16.45 23.11 -19.59
C PRO A 156 16.36 23.12 -21.11
N GLY A 157 16.33 21.93 -21.69
CA GLY A 157 16.12 21.82 -23.11
C GLY A 157 14.65 21.98 -23.45
N GLU A 158 14.38 22.11 -24.73
N GLU A 158 14.37 22.12 -24.75
CA GLU A 158 12.99 22.23 -25.13
CA GLU A 158 13.00 22.22 -25.20
C GLU A 158 12.43 20.87 -25.54
C GLU A 158 12.44 20.84 -25.47
N PRO A 159 11.11 20.71 -25.56
CA PRO A 159 10.51 19.40 -25.82
C PRO A 159 10.87 18.86 -27.21
N THR A 160 11.27 17.59 -27.24
CA THR A 160 11.49 16.84 -28.48
C THR A 160 10.57 15.62 -28.54
N ALA A 161 9.53 15.58 -27.73
CA ALA A 161 8.56 14.50 -27.75
C ALA A 161 7.22 15.07 -27.31
N SER A 162 6.18 14.29 -27.52
CA SER A 162 4.82 14.77 -27.34
C SER A 162 4.22 14.23 -26.06
N GLU A 163 3.11 14.85 -25.67
CA GLU A 163 2.29 14.37 -24.57
C GLU A 163 0.91 14.04 -25.11
N GLN A 164 0.39 12.89 -24.71
CA GLN A 164 -0.96 12.46 -25.02
C GLN A 164 -1.75 12.40 -23.73
N SER A 165 -3.00 12.86 -23.78
CA SER A 165 -3.92 12.75 -22.66
C SER A 165 -4.70 11.44 -22.80
N ARG A 166 -4.54 10.55 -21.84
CA ARG A 166 -5.26 9.27 -21.87
C ARG A 166 -6.24 9.23 -20.71
N THR A 167 -7.49 9.56 -20.99
CA THR A 167 -8.56 9.57 -20.00
C THR A 167 -9.30 8.24 -19.89
N ASP A 168 -9.06 7.31 -20.81
CA ASP A 168 -9.91 6.12 -20.86
C ASP A 168 -9.52 5.17 -19.73
N LYS A 169 -10.48 4.85 -18.86
CA LYS A 169 -10.26 3.91 -17.78
C LYS A 169 -10.88 2.54 -18.03
N THR A 170 -11.39 2.30 -19.25
CA THR A 170 -12.13 1.07 -19.54
C THR A 170 -11.33 -0.18 -19.19
N ALA A 171 -10.07 -0.26 -19.68
CA ALA A 171 -9.28 -1.46 -19.44
C ALA A 171 -9.02 -1.65 -17.95
N TYR A 172 -8.76 -0.55 -17.23
CA TYR A 172 -8.58 -0.62 -15.78
C TYR A 172 -9.84 -1.11 -15.09
N LEU A 173 -11.00 -0.54 -15.43
CA LEU A 173 -12.25 -0.96 -14.80
C LEU A 173 -12.58 -2.41 -15.14
N GLU A 174 -12.37 -2.82 -16.39
CA GLU A 174 -12.59 -4.22 -16.75
C GLU A 174 -11.67 -5.12 -15.96
N HIS A 175 -10.43 -4.69 -15.74
CA HIS A 175 -9.51 -5.52 -15.00
C HIS A 175 -9.96 -5.69 -13.56
N LEU A 176 -10.36 -4.60 -12.90
CA LEU A 176 -10.87 -4.71 -11.52
C LEU A 176 -12.04 -5.68 -11.44
N LEU A 177 -12.98 -5.57 -12.37
CA LEU A 177 -14.18 -6.39 -12.30
C LEU A 177 -13.89 -7.85 -12.63
N SER A 178 -12.76 -8.12 -13.28
CA SER A 178 -12.41 -9.48 -13.65
C SER A 178 -12.09 -10.35 -12.43
N TYR A 179 -11.87 -9.76 -11.27
CA TYR A 179 -11.59 -10.53 -10.07
C TYR A 179 -12.82 -11.15 -9.42
N VAL A 180 -14.03 -10.79 -9.85
CA VAL A 180 -15.23 -11.29 -9.22
C VAL A 180 -16.20 -11.81 -10.28
N ASP A 181 -17.03 -12.76 -9.85
CA ASP A 181 -18.11 -13.26 -10.70
C ASP A 181 -19.32 -12.40 -10.38
N ARG A 182 -19.62 -11.45 -11.27
CA ARG A 182 -20.62 -10.45 -10.95
C ARG A 182 -21.99 -11.07 -10.72
N SER A 183 -22.31 -12.17 -11.41
CA SER A 183 -23.59 -12.84 -11.22
C SER A 183 -23.74 -13.44 -9.82
N THR A 184 -22.65 -13.62 -9.08
CA THR A 184 -22.76 -14.14 -7.73
C THR A 184 -22.83 -13.06 -6.68
N LEU A 185 -22.77 -11.79 -7.08
CA LEU A 185 -22.75 -10.72 -6.10
C LEU A 185 -24.17 -10.41 -5.63
N LYS A 186 -24.28 -10.15 -4.35
N LYS A 186 -24.28 -10.15 -4.35
CA LYS A 186 -25.55 -9.77 -3.75
CA LYS A 186 -25.56 -9.77 -3.77
C LYS A 186 -25.59 -8.25 -3.55
C LYS A 186 -25.59 -8.26 -3.53
N PRO A 187 -26.79 -7.67 -3.41
CA PRO A 187 -26.90 -6.20 -3.25
C PRO A 187 -26.57 -5.73 -1.83
N LEU A 188 -25.32 -5.99 -1.43
CA LEU A 188 -24.87 -5.55 -0.12
C LEU A 188 -24.92 -4.04 -0.02
N LYS A 189 -25.16 -3.55 1.19
N LYS A 189 -25.13 -3.55 1.19
CA LYS A 189 -25.07 -2.12 1.46
CA LYS A 189 -25.07 -2.12 1.49
C LYS A 189 -23.66 -1.84 1.99
C LYS A 189 -23.67 -1.81 2.01
N LEU A 190 -22.91 -1.02 1.27
CA LEU A 190 -21.51 -0.76 1.57
C LEU A 190 -21.31 0.73 1.82
N VAL A 191 -20.75 1.06 2.98
CA VAL A 191 -20.25 2.42 3.20
C VAL A 191 -18.92 2.55 2.48
N VAL A 192 -18.77 3.64 1.75
CA VAL A 192 -17.51 3.95 1.07
C VAL A 192 -17.07 5.34 1.50
N ASN A 193 -15.81 5.48 1.89
CA ASN A 193 -15.31 6.72 2.46
C ASN A 193 -13.97 7.04 1.78
N ALA A 194 -14.01 7.91 0.77
CA ALA A 194 -12.83 8.35 0.06
C ALA A 194 -12.00 9.33 0.87
N GLY A 195 -12.53 9.85 1.97
CA GLY A 195 -11.84 10.85 2.75
C GLY A 195 -11.50 12.11 1.99
N ASN A 196 -12.24 12.42 0.92
CA ASN A 196 -11.97 13.52 0.00
C ASN A 196 -10.72 13.34 -0.82
N GLY A 197 -10.16 12.12 -0.83
CA GLY A 197 -9.14 11.75 -1.81
C GLY A 197 -9.81 11.35 -3.10
N GLY A 198 -9.14 10.46 -3.84
CA GLY A 198 -9.58 10.15 -5.18
C GLY A 198 -10.40 8.89 -5.38
N ALA A 199 -10.69 8.14 -4.32
CA ALA A 199 -11.28 6.82 -4.52
C ALA A 199 -12.70 6.88 -5.07
N GLY A 200 -13.43 7.96 -4.78
CA GLY A 200 -14.84 8.01 -5.14
C GLY A 200 -15.07 7.98 -6.64
N LEU A 201 -14.14 8.55 -7.42
CA LEU A 201 -14.26 8.50 -8.86
C LEU A 201 -14.34 7.05 -9.35
N ILE A 202 -13.44 6.19 -8.86
CA ILE A 202 -13.44 4.80 -9.30
C ILE A 202 -14.66 4.05 -8.77
N VAL A 203 -15.04 4.26 -7.51
CA VAL A 203 -16.25 3.64 -6.99
C VAL A 203 -17.42 3.97 -7.89
N ASP A 204 -17.54 5.24 -8.29
CA ASP A 204 -18.70 5.65 -9.08
C ASP A 204 -18.65 5.07 -10.48
N LEU A 205 -17.45 4.87 -11.04
CA LEU A 205 -17.33 4.22 -12.34
C LEU A 205 -17.62 2.73 -12.25
N LEU A 206 -17.36 2.12 -11.09
CA LEU A 206 -17.63 0.69 -10.92
C LEU A 206 -19.10 0.43 -10.64
N ALA A 207 -19.76 1.36 -9.97
CA ALA A 207 -21.10 1.15 -9.46
C ALA A 207 -22.14 0.71 -10.49
N PRO A 208 -22.19 1.24 -11.72
CA PRO A 208 -23.18 0.75 -12.69
C PRO A 208 -23.03 -0.72 -13.00
N HIS A 209 -21.88 -1.31 -12.70
CA HIS A 209 -21.58 -2.70 -13.01
C HIS A 209 -21.73 -3.62 -11.81
N LEU A 210 -22.18 -3.12 -10.67
CA LEU A 210 -22.28 -3.87 -9.44
C LEU A 210 -23.66 -3.68 -8.84
N PRO A 211 -24.13 -4.65 -8.05
CA PRO A 211 -25.46 -4.54 -7.43
C PRO A 211 -25.49 -3.85 -6.09
N PHE A 212 -24.35 -3.36 -5.60
CA PHE A 212 -24.27 -2.87 -4.24
C PHE A 212 -25.02 -1.55 -4.09
N GLU A 213 -25.42 -1.29 -2.85
N GLU A 213 -25.52 -1.32 -2.88
CA GLU A 213 -26.07 -0.05 -2.45
CA GLU A 213 -26.06 -0.01 -2.50
C GLU A 213 -25.01 0.74 -1.69
C GLU A 213 -24.96 0.71 -1.73
N PHE A 214 -24.50 1.82 -2.29
CA PHE A 214 -23.42 2.57 -1.67
C PHE A 214 -23.92 3.70 -0.79
N VAL A 215 -23.28 3.85 0.35
CA VAL A 215 -23.47 4.98 1.25
C VAL A 215 -22.18 5.77 1.19
N ARG A 216 -22.21 6.94 0.54
CA ARG A 216 -20.98 7.68 0.23
C ARG A 216 -20.67 8.69 1.32
N VAL A 217 -19.48 8.58 1.91
CA VAL A 217 -19.02 9.46 2.99
C VAL A 217 -17.75 10.17 2.51
N PHE A 218 -17.69 11.49 2.73
CA PHE A 218 -16.52 12.28 2.34
C PHE A 218 -16.10 11.95 0.92
N HIS A 219 -17.06 11.99 0.02
CA HIS A 219 -16.90 11.33 -1.27
C HIS A 219 -16.24 12.21 -2.32
N GLU A 220 -16.43 13.53 -2.25
CA GLU A 220 -15.99 14.39 -3.32
C GLU A 220 -14.49 14.68 -3.18
N PRO A 221 -13.74 14.60 -4.26
CA PRO A 221 -12.30 14.90 -4.17
C PRO A 221 -12.11 16.38 -3.86
N ASP A 222 -11.28 16.67 -2.86
CA ASP A 222 -11.10 18.05 -2.44
C ASP A 222 -9.74 18.17 -1.77
N GLY A 223 -8.74 18.65 -2.51
CA GLY A 223 -7.40 18.81 -1.98
C GLY A 223 -7.27 19.84 -0.89
N ASN A 224 -8.33 20.58 -0.58
CA ASN A 224 -8.35 21.41 0.61
C ASN A 224 -8.70 20.62 1.85
N PHE A 225 -9.19 19.39 1.69
CA PHE A 225 -9.40 18.46 2.79
C PHE A 225 -10.25 19.04 3.93
N PRO A 226 -11.50 19.40 3.65
CA PRO A 226 -12.37 19.95 4.70
C PRO A 226 -12.59 19.00 5.87
N ASN A 227 -12.35 17.70 5.68
CA ASN A 227 -12.52 16.70 6.71
C ASN A 227 -11.19 16.09 7.17
N GLY A 228 -10.10 16.77 6.88
CA GLY A 228 -8.81 16.26 7.28
C GLY A 228 -8.11 15.56 6.13
N ILE A 229 -6.78 15.57 6.17
CA ILE A 229 -5.99 14.81 5.20
C ILE A 229 -6.39 13.34 5.30
N PRO A 230 -6.60 12.65 4.17
CA PRO A 230 -7.08 11.26 4.24
C PRO A 230 -6.09 10.35 4.96
N ASN A 231 -6.57 9.69 6.01
CA ASN A 231 -5.78 8.77 6.83
C ASN A 231 -6.73 7.98 7.71
N PRO A 232 -7.29 6.87 7.22
CA PRO A 232 -8.28 6.12 8.01
C PRO A 232 -7.73 5.48 9.27
N LEU A 233 -6.41 5.49 9.46
CA LEU A 233 -5.83 4.95 10.69
C LEU A 233 -5.95 5.90 11.88
N LEU A 234 -6.16 7.19 11.66
CA LEU A 234 -6.36 8.11 12.78
C LEU A 234 -7.74 7.87 13.38
N PRO A 235 -7.85 7.70 14.70
CA PRO A 235 -9.15 7.37 15.29
C PRO A 235 -10.31 8.29 14.90
N GLU A 236 -10.10 9.61 14.84
CA GLU A 236 -11.24 10.46 14.49
C GLU A 236 -11.68 10.23 13.05
N ASN A 237 -10.75 9.88 12.16
CA ASN A 237 -11.12 9.56 10.78
C ASN A 237 -11.75 8.19 10.69
N ARG A 238 -11.16 7.22 11.40
CA ARG A 238 -11.74 5.89 11.50
C ARG A 238 -13.20 5.93 11.92
N ASP A 239 -13.50 6.76 12.94
CA ASP A 239 -14.84 6.77 13.51
C ASP A 239 -15.90 7.24 12.52
N ALA A 240 -15.52 8.07 11.54
CA ALA A 240 -16.52 8.54 10.57
C ALA A 240 -17.05 7.39 9.74
N THR A 241 -16.19 6.43 9.38
CA THR A 241 -16.66 5.26 8.65
C THR A 241 -17.48 4.36 9.56
N ALA A 242 -16.99 4.13 10.78
CA ALA A 242 -17.71 3.27 11.71
C ALA A 242 -19.12 3.79 11.95
N LYS A 243 -19.25 5.10 12.18
CA LYS A 243 -20.56 5.69 12.44
C LYS A 243 -21.48 5.50 11.24
N ALA A 244 -20.98 5.72 10.03
CA ALA A 244 -21.83 5.56 8.86
C ALA A 244 -22.30 4.12 8.71
N VAL A 245 -21.43 3.15 9.04
CA VAL A 245 -21.82 1.75 8.96
C VAL A 245 -22.93 1.46 9.94
N LYS A 246 -22.72 1.84 11.21
CA LYS A 246 -23.72 1.53 12.24
C LYS A 246 -25.04 2.26 11.99
N ASP A 247 -24.97 3.54 11.60
CA ASP A 247 -26.19 4.31 11.45
C ASP A 247 -27.03 3.87 10.25
N ASN A 248 -26.41 3.22 9.26
CA ASN A 248 -27.12 2.82 8.06
C ASN A 248 -27.30 1.32 7.96
N GLY A 249 -26.88 0.57 8.97
CA GLY A 249 -27.00 -0.88 8.89
C GLY A 249 -26.29 -1.47 7.70
N ALA A 250 -25.11 -0.94 7.38
CA ALA A 250 -24.37 -1.43 6.23
C ALA A 250 -23.76 -2.79 6.51
N ASP A 251 -23.59 -3.58 5.46
CA ASP A 251 -22.94 -4.87 5.59
C ASP A 251 -21.48 -4.71 6.00
N PHE A 252 -20.79 -3.75 5.39
CA PHE A 252 -19.45 -3.39 5.82
C PHE A 252 -19.12 -2.01 5.26
N GLY A 253 -18.01 -1.46 5.73
CA GLY A 253 -17.53 -0.18 5.26
C GLY A 253 -16.11 -0.29 4.77
N ILE A 254 -15.79 0.57 3.80
CA ILE A 254 -14.45 0.63 3.20
C ILE A 254 -14.02 2.08 3.22
N ALA A 255 -12.79 2.32 3.67
CA ALA A 255 -12.18 3.63 3.59
C ALA A 255 -10.84 3.51 2.88
N TRP A 256 -10.41 4.59 2.25
CA TRP A 256 -9.15 4.58 1.52
C TRP A 256 -8.26 5.72 1.98
N ASP A 257 -6.95 5.56 1.78
CA ASP A 257 -6.08 6.72 1.81
C ASP A 257 -6.31 7.56 0.54
N GLY A 258 -5.60 8.69 0.46
CA GLY A 258 -5.94 9.68 -0.55
C GLY A 258 -5.72 9.19 -1.97
N ASP A 259 -4.65 8.45 -2.20
CA ASP A 259 -4.32 7.90 -3.52
C ASP A 259 -4.81 6.46 -3.69
N PHE A 260 -5.60 5.99 -2.72
CA PHE A 260 -6.39 4.75 -2.70
C PHE A 260 -5.62 3.46 -3.02
N ASP A 261 -4.31 3.42 -2.78
CA ASP A 261 -3.59 2.16 -2.80
C ASP A 261 -3.64 1.43 -1.46
N ARG A 262 -4.26 2.03 -0.45
CA ARG A 262 -4.56 1.36 0.81
C ARG A 262 -6.06 1.43 1.07
N CYS A 263 -6.61 0.31 1.49
CA CYS A 263 -8.00 0.28 1.89
C CYS A 263 -8.12 -0.32 3.29
N PHE A 264 -9.25 -0.02 3.93
CA PHE A 264 -9.46 -0.28 5.34
C PHE A 264 -10.89 -0.70 5.53
N PHE A 265 -11.11 -1.77 6.29
CA PHE A 265 -12.40 -2.44 6.37
C PHE A 265 -13.02 -2.29 7.73
N PHE A 266 -14.33 -2.10 7.74
CA PHE A 266 -15.11 -1.99 8.95
C PHE A 266 -16.25 -3.00 8.85
N ASP A 267 -16.42 -3.85 9.86
CA ASP A 267 -17.51 -4.81 9.78
C ASP A 267 -18.85 -4.16 10.12
N HIS A 268 -19.92 -4.96 10.10
CA HIS A 268 -21.27 -4.44 10.25
C HIS A 268 -21.52 -3.87 11.64
N THR A 269 -20.66 -4.18 12.61
CA THR A 269 -20.73 -3.59 13.95
C THR A 269 -19.99 -2.27 14.03
N GLY A 270 -19.34 -1.85 12.95
CA GLY A 270 -18.52 -0.67 12.95
C GLY A 270 -17.08 -0.91 13.33
N ARG A 271 -16.73 -2.14 13.73
CA ARG A 271 -15.39 -2.46 14.18
C ARG A 271 -14.41 -2.39 13.02
N PHE A 272 -13.31 -1.67 13.22
CA PHE A 272 -12.23 -1.66 12.24
C PHE A 272 -11.47 -2.97 12.33
N ILE A 273 -11.27 -3.62 11.19
CA ILE A 273 -10.58 -4.91 11.14
C ILE A 273 -9.08 -4.67 10.99
N GLU A 274 -8.31 -5.15 11.96
CA GLU A 274 -6.86 -5.01 11.90
C GLU A 274 -6.33 -5.68 10.62
N GLY A 275 -5.41 -4.99 9.93
CA GLY A 275 -5.02 -5.40 8.59
C GLY A 275 -4.38 -6.78 8.50
N TYR A 276 -3.76 -7.25 9.59
CA TYR A 276 -3.19 -8.59 9.60
C TYR A 276 -4.19 -9.62 9.10
N TYR A 277 -5.43 -9.54 9.61
CA TYR A 277 -6.43 -10.56 9.30
C TYR A 277 -6.90 -10.50 7.84
N LEU A 278 -6.72 -9.37 7.17
CA LEU A 278 -7.11 -9.30 5.76
C LEU A 278 -6.17 -10.10 4.87
N VAL A 279 -4.91 -10.29 5.31
CA VAL A 279 -3.97 -11.05 4.47
C VAL A 279 -4.46 -12.49 4.31
N GLY A 280 -4.79 -13.14 5.43
CA GLY A 280 -5.28 -14.51 5.34
C GLY A 280 -6.62 -14.60 4.64
N LEU A 281 -7.50 -13.63 4.88
CA LEU A 281 -8.82 -13.63 4.27
C LEU A 281 -8.73 -13.45 2.76
N LEU A 282 -7.96 -12.46 2.31
CA LEU A 282 -7.80 -12.26 0.87
C LEU A 282 -7.08 -13.43 0.24
N ALA A 283 -6.15 -14.06 0.96
CA ALA A 283 -5.45 -15.20 0.40
C ALA A 283 -6.42 -16.33 0.14
N GLN A 284 -7.32 -16.59 1.08
CA GLN A 284 -8.29 -17.65 0.87
C GLN A 284 -9.21 -17.30 -0.30
N ALA A 285 -9.59 -16.03 -0.40
CA ALA A 285 -10.44 -15.59 -1.52
C ALA A 285 -9.75 -15.82 -2.86
N ILE A 286 -8.46 -15.47 -2.94
CA ILE A 286 -7.73 -15.61 -4.20
C ILE A 286 -7.47 -17.08 -4.52
N LEU A 287 -7.14 -17.87 -3.50
CA LEU A 287 -6.79 -19.27 -3.74
C LEU A 287 -7.97 -20.06 -4.26
N ALA A 288 -9.19 -19.62 -3.97
CA ALA A 288 -10.38 -20.24 -4.56
C ALA A 288 -10.41 -20.08 -6.08
N LYS A 289 -9.74 -19.06 -6.62
CA LYS A 289 -9.67 -18.86 -8.06
C LYS A 289 -8.39 -19.40 -8.68
N GLN A 290 -7.30 -19.47 -7.91
CA GLN A 290 -6.00 -19.91 -8.40
C GLN A 290 -5.49 -20.99 -7.46
N PRO A 291 -5.95 -22.22 -7.62
CA PRO A 291 -5.64 -23.28 -6.65
C PRO A 291 -4.16 -23.60 -6.62
N GLY A 292 -3.67 -23.93 -5.41
CA GLY A 292 -2.29 -24.33 -5.23
C GLY A 292 -1.28 -23.21 -5.31
N GLY A 293 -1.74 -21.97 -5.39
CA GLY A 293 -0.83 -20.87 -5.64
C GLY A 293 0.01 -20.53 -4.42
N LYS A 294 1.09 -19.80 -4.68
CA LYS A 294 1.91 -19.27 -3.61
C LYS A 294 1.39 -17.91 -3.17
N VAL A 295 1.53 -17.63 -1.88
CA VAL A 295 1.10 -16.38 -1.28
C VAL A 295 2.28 -15.83 -0.49
N VAL A 296 2.68 -14.61 -0.79
CA VAL A 296 3.80 -14.00 -0.10
C VAL A 296 3.27 -13.17 1.07
N HIS A 297 3.94 -13.28 2.21
CA HIS A 297 3.53 -12.49 3.37
C HIS A 297 4.77 -11.93 4.05
N ASP A 298 4.57 -10.92 4.88
CA ASP A 298 5.67 -10.28 5.59
C ASP A 298 5.95 -10.99 6.92
N PRO A 299 7.03 -10.64 7.60
CA PRO A 299 7.41 -11.41 8.81
C PRO A 299 6.90 -10.82 10.11
N ARG A 300 6.15 -9.72 10.07
N ARG A 300 6.16 -9.71 10.08
CA ARG A 300 5.75 -9.05 11.31
CA ARG A 300 5.77 -9.07 11.33
C ARG A 300 4.75 -9.89 12.07
C ARG A 300 4.75 -9.90 12.08
N LEU A 301 3.70 -10.33 11.38
CA LEU A 301 2.64 -11.17 11.93
C LEU A 301 2.42 -12.26 10.91
N THR A 302 2.47 -13.52 11.35
CA THR A 302 2.63 -14.61 10.38
C THR A 302 1.70 -15.79 10.61
N TRP A 303 1.49 -16.19 11.87
CA TRP A 303 0.89 -17.48 12.15
C TRP A 303 -0.48 -17.64 11.49
N ASN A 304 -1.30 -16.61 11.53
CA ASN A 304 -2.65 -16.74 10.98
C ASN A 304 -2.59 -16.91 9.48
N THR A 305 -1.72 -16.15 8.81
CA THR A 305 -1.61 -16.20 7.37
C THR A 305 -1.11 -17.56 6.92
N VAL A 306 -0.10 -18.07 7.61
CA VAL A 306 0.44 -19.37 7.24
C VAL A 306 -0.66 -20.43 7.31
N GLU A 307 -1.40 -20.45 8.40
CA GLU A 307 -2.46 -21.43 8.56
C GLU A 307 -3.56 -21.24 7.53
N GLN A 308 -4.00 -20.00 7.31
CA GLN A 308 -5.12 -19.80 6.39
C GLN A 308 -4.73 -20.10 4.95
N VAL A 309 -3.50 -19.74 4.55
CA VAL A 309 -3.03 -20.08 3.21
C VAL A 309 -2.98 -21.59 3.04
N GLU A 310 -2.42 -22.30 4.01
CA GLU A 310 -2.33 -23.75 3.90
C GLU A 310 -3.70 -24.38 3.89
N GLU A 311 -4.60 -23.86 4.74
CA GLU A 311 -5.94 -24.43 4.81
C GLU A 311 -6.68 -24.28 3.50
N ALA A 312 -6.38 -23.22 2.74
CA ALA A 312 -6.97 -23.01 1.42
C ALA A 312 -6.16 -23.67 0.30
N GLY A 313 -5.15 -24.47 0.64
CA GLY A 313 -4.41 -25.19 -0.38
C GLY A 313 -3.30 -24.43 -1.03
N GLY A 314 -2.91 -23.27 -0.49
CA GLY A 314 -1.82 -22.49 -1.03
C GLY A 314 -0.52 -22.75 -0.29
N ILE A 315 0.54 -22.12 -0.78
CA ILE A 315 1.85 -22.26 -0.17
C ILE A 315 2.33 -20.90 0.31
N PRO A 316 2.50 -20.70 1.62
CA PRO A 316 2.93 -19.39 2.10
C PRO A 316 4.43 -19.22 1.92
N VAL A 317 4.83 -17.99 1.57
CA VAL A 317 6.22 -17.65 1.28
C VAL A 317 6.59 -16.43 2.12
N LEU A 318 7.43 -16.63 3.12
CA LEU A 318 7.90 -15.54 3.97
C LEU A 318 8.83 -14.61 3.19
N CYS A 319 8.65 -13.30 3.40
CA CYS A 319 9.40 -12.28 2.68
C CYS A 319 9.58 -11.07 3.60
N LYS A 320 10.74 -10.42 3.49
CA LYS A 320 10.97 -9.15 4.15
C LYS A 320 9.85 -8.18 3.81
N SER A 321 9.48 -7.33 4.78
CA SER A 321 8.43 -6.36 4.54
C SER A 321 8.92 -5.27 3.59
N GLY A 322 7.98 -4.62 2.94
CA GLY A 322 8.30 -3.54 2.02
C GLY A 322 7.94 -3.96 0.63
N HIS A 323 7.26 -3.06 -0.11
CA HIS A 323 6.66 -3.47 -1.38
C HIS A 323 7.68 -3.95 -2.39
N ALA A 324 8.91 -3.42 -2.36
CA ALA A 324 9.90 -3.85 -3.35
C ALA A 324 10.32 -5.29 -3.10
N PHE A 325 10.55 -5.66 -1.85
CA PHE A 325 10.89 -7.05 -1.56
C PHE A 325 9.73 -7.98 -1.86
N ILE A 326 8.52 -7.57 -1.45
N ILE A 326 8.52 -7.58 -1.51
CA ILE A 326 7.33 -8.39 -1.69
CA ILE A 326 7.38 -8.47 -1.70
C ILE A 326 7.14 -8.66 -3.18
C ILE A 326 7.10 -8.67 -3.20
N LYS A 327 7.16 -7.59 -3.99
CA LYS A 327 6.92 -7.74 -5.42
C LYS A 327 8.00 -8.59 -6.09
N GLU A 328 9.26 -8.40 -5.68
N GLU A 328 9.26 -8.39 -5.70
CA GLU A 328 10.36 -9.19 -6.25
CA GLU A 328 10.32 -9.22 -6.28
C GLU A 328 10.22 -10.66 -5.87
C GLU A 328 10.14 -10.68 -5.90
N LYS A 329 9.78 -10.94 -4.64
CA LYS A 329 9.56 -12.32 -4.21
C LYS A 329 8.37 -12.94 -4.93
N MET A 330 7.26 -12.19 -5.06
CA MET A 330 6.11 -12.69 -5.79
C MET A 330 6.49 -13.05 -7.21
N ARG A 331 7.29 -12.19 -7.87
CA ARG A 331 7.69 -12.48 -9.24
C ARG A 331 8.52 -13.77 -9.31
N SER A 332 9.50 -13.91 -8.44
CA SER A 332 10.37 -15.07 -8.54
C SER A 332 9.64 -16.36 -8.19
N GLU A 333 8.53 -16.28 -7.45
CA GLU A 333 7.73 -17.43 -7.03
C GLU A 333 6.47 -17.63 -7.88
N ASN A 334 6.19 -16.74 -8.83
CA ASN A 334 4.89 -16.77 -9.53
C ASN A 334 3.73 -16.73 -8.54
N ALA A 335 3.92 -16.01 -7.42
CA ALA A 335 2.89 -15.95 -6.40
C ALA A 335 1.68 -15.19 -6.89
N VAL A 336 0.49 -15.73 -6.59
CA VAL A 336 -0.75 -15.12 -7.07
C VAL A 336 -1.10 -13.86 -6.27
N TYR A 337 -0.68 -13.79 -5.01
CA TYR A 337 -1.10 -12.73 -4.13
C TYR A 337 -0.01 -12.53 -3.08
N GLY A 338 0.19 -11.29 -2.68
CA GLY A 338 1.03 -10.99 -1.54
C GLY A 338 0.33 -9.95 -0.67
N GLY A 339 0.48 -10.05 0.64
CA GLY A 339 -0.15 -9.07 1.49
C GLY A 339 0.68 -8.71 2.69
N GLU A 340 0.67 -7.43 3.07
CA GLU A 340 1.29 -6.96 4.28
C GLU A 340 0.22 -6.60 5.29
N MET A 341 0.57 -6.72 6.57
N MET A 341 0.54 -6.73 6.57
CA MET A 341 -0.39 -6.40 7.62
CA MET A 341 -0.46 -6.41 7.58
C MET A 341 -0.82 -4.93 7.59
C MET A 341 -0.84 -4.93 7.58
N SER A 342 -0.03 -4.07 6.97
CA SER A 342 -0.28 -2.62 6.93
C SER A 342 -1.05 -2.19 5.69
N ALA A 343 -2.05 -2.98 5.29
CA ALA A 343 -3.03 -2.54 4.29
C ALA A 343 -2.40 -2.39 2.92
N HIS A 344 -1.52 -3.31 2.54
CA HIS A 344 -0.95 -3.34 1.21
C HIS A 344 -1.21 -4.72 0.64
N HIS A 345 -1.88 -4.78 -0.52
CA HIS A 345 -2.29 -6.04 -1.10
C HIS A 345 -1.88 -6.04 -2.57
N TYR A 346 -1.12 -7.07 -2.97
CA TYR A 346 -0.48 -7.13 -4.28
C TYR A 346 -1.01 -8.33 -5.04
N PHE A 347 -1.23 -8.16 -6.35
CA PHE A 347 -1.89 -9.19 -7.14
C PHE A 347 -1.10 -9.44 -8.41
N ARG A 348 -0.76 -10.72 -8.63
CA ARG A 348 0.04 -11.09 -9.80
C ARG A 348 -0.57 -10.57 -11.10
N GLU A 349 -1.88 -10.77 -11.28
N GLU A 349 -1.88 -10.77 -11.28
CA GLU A 349 -2.55 -10.38 -12.52
CA GLU A 349 -2.52 -10.37 -12.54
C GLU A 349 -2.59 -8.86 -12.69
C GLU A 349 -2.57 -8.86 -12.70
N PHE A 350 -2.37 -8.11 -11.62
CA PHE A 350 -2.31 -6.64 -11.66
C PHE A 350 -0.87 -6.18 -11.75
N ALA A 351 -0.06 -6.86 -12.56
CA ALA A 351 1.35 -6.53 -12.72
C ALA A 351 2.10 -6.58 -11.39
N TYR A 352 1.68 -7.49 -10.51
CA TYR A 352 2.29 -7.68 -9.20
C TYR A 352 2.18 -6.44 -8.32
N ALA A 353 1.28 -5.54 -8.66
CA ALA A 353 1.20 -4.26 -7.97
C ALA A 353 0.08 -4.27 -6.95
N ASP A 354 0.12 -3.26 -6.08
CA ASP A 354 -0.88 -3.10 -5.04
C ASP A 354 -2.08 -2.34 -5.56
N SER A 355 -3.25 -2.72 -5.07
CA SER A 355 -4.51 -2.06 -5.41
C SER A 355 -5.30 -1.88 -4.12
N GLY A 356 -5.93 -0.72 -3.99
CA GLY A 356 -6.91 -0.49 -2.95
C GLY A 356 -8.32 -0.80 -3.39
N MET A 357 -8.50 -1.27 -4.61
CA MET A 357 -9.82 -1.56 -5.16
C MET A 357 -10.09 -3.05 -5.23
N ILE A 358 -9.15 -3.83 -5.75
CA ILE A 358 -9.28 -5.28 -5.80
C ILE A 358 -9.68 -5.87 -4.45
N PRO A 359 -9.09 -5.44 -3.32
CA PRO A 359 -9.42 -6.11 -2.05
C PRO A 359 -10.88 -6.03 -1.66
N TRP A 360 -11.50 -4.86 -1.78
CA TRP A 360 -12.90 -4.79 -1.35
C TRP A 360 -13.84 -5.48 -2.34
N LEU A 361 -13.48 -5.55 -3.62
CA LEU A 361 -14.27 -6.36 -4.54
C LEU A 361 -14.23 -7.83 -4.13
N LEU A 362 -13.05 -8.34 -3.79
CA LEU A 362 -12.93 -9.74 -3.37
C LEU A 362 -13.70 -10.00 -2.07
N ILE A 363 -13.61 -9.09 -1.12
CA ILE A 363 -14.33 -9.27 0.15
C ILE A 363 -15.84 -9.21 -0.08
N ALA A 364 -16.30 -8.25 -0.90
CA ALA A 364 -17.71 -8.19 -1.21
C ALA A 364 -18.17 -9.49 -1.86
N GLU A 365 -17.33 -10.08 -2.71
CA GLU A 365 -17.70 -11.34 -3.34
C GLU A 365 -17.76 -12.47 -2.32
N LEU A 366 -16.83 -12.48 -1.37
N LEU A 366 -16.79 -12.51 -1.41
CA LEU A 366 -16.80 -13.55 -0.37
CA LEU A 366 -16.77 -13.52 -0.35
C LEU A 366 -17.99 -13.47 0.58
C LEU A 366 -18.05 -13.45 0.47
N VAL A 367 -18.35 -12.27 1.02
CA VAL A 367 -19.57 -12.11 1.81
C VAL A 367 -20.80 -12.54 1.00
N SER A 368 -20.86 -12.13 -0.27
CA SER A 368 -22.00 -12.46 -1.12
C SER A 368 -22.14 -13.97 -1.30
N GLN A 369 -21.02 -14.64 -1.57
CA GLN A 369 -21.08 -16.07 -1.88
C GLN A 369 -21.27 -16.94 -0.64
N SER A 370 -20.67 -16.55 0.47
CA SER A 370 -20.63 -17.42 1.63
C SER A 370 -21.86 -17.28 2.51
N GLY A 371 -22.56 -16.15 2.43
CA GLY A 371 -23.62 -15.85 3.38
C GLY A 371 -23.14 -15.46 4.77
N ARG A 372 -21.83 -15.29 4.96
CA ARG A 372 -21.29 -14.90 6.24
C ARG A 372 -20.94 -13.42 6.23
N SER A 373 -21.13 -12.77 7.38
CA SER A 373 -20.75 -11.39 7.51
C SER A 373 -19.24 -11.27 7.56
N LEU A 374 -18.73 -10.09 7.19
CA LEU A 374 -17.29 -9.87 7.34
C LEU A 374 -16.84 -10.17 8.77
N ALA A 375 -17.64 -9.75 9.76
CA ALA A 375 -17.32 -10.04 11.15
C ALA A 375 -17.10 -11.53 11.36
N ASP A 376 -18.02 -12.36 10.87
CA ASP A 376 -17.92 -13.79 11.07
C ASP A 376 -16.73 -14.37 10.31
N LEU A 377 -16.42 -13.80 9.15
CA LEU A 377 -15.29 -14.32 8.37
C LEU A 377 -13.98 -14.20 9.14
N VAL A 378 -13.86 -13.21 10.03
CA VAL A 378 -12.60 -12.98 10.73
C VAL A 378 -12.64 -13.32 12.20
N GLU A 379 -13.83 -13.42 12.80
CA GLU A 379 -13.93 -13.47 14.27
C GLU A 379 -13.06 -14.56 14.88
N ALA A 380 -13.19 -15.80 14.39
CA ALA A 380 -12.47 -16.90 15.01
C ALA A 380 -10.98 -16.75 14.78
N ARG A 381 -10.58 -16.18 13.65
CA ARG A 381 -9.15 -15.99 13.39
C ARG A 381 -8.57 -14.98 14.36
N MET A 382 -9.31 -13.91 14.66
CA MET A 382 -8.83 -12.92 15.61
C MET A 382 -8.72 -13.50 17.00
N GLN A 383 -9.61 -14.40 17.38
CA GLN A 383 -9.51 -15.06 18.68
C GLN A 383 -8.37 -16.06 18.70
N LYS A 384 -8.11 -16.72 17.57
CA LYS A 384 -7.10 -17.77 17.52
C LYS A 384 -5.69 -17.20 17.50
N PHE A 385 -5.49 -16.06 16.84
CA PHE A 385 -4.19 -15.43 16.74
C PHE A 385 -4.32 -13.95 17.08
N PRO A 386 -4.56 -13.62 18.35
CA PRO A 386 -4.66 -12.21 18.73
C PRO A 386 -3.29 -11.55 18.62
N CYS A 387 -3.30 -10.28 18.23
CA CYS A 387 -2.06 -9.57 18.02
C CYS A 387 -2.12 -8.20 18.68
N SER A 388 -0.93 -7.65 18.90
CA SER A 388 -0.79 -6.39 19.60
C SER A 388 -1.16 -5.20 18.73
N GLY A 389 -1.14 -5.40 17.42
CA GLY A 389 -1.08 -4.28 16.50
C GLY A 389 0.34 -3.76 16.49
N GLU A 390 0.71 -3.05 15.43
CA GLU A 390 2.06 -2.54 15.36
C GLU A 390 2.23 -1.38 16.33
N ILE A 391 3.21 -1.49 17.22
CA ILE A 391 3.47 -0.46 18.21
C ILE A 391 4.83 0.15 17.92
N ASN A 392 4.89 1.46 17.84
CA ASN A 392 6.10 2.16 17.44
C ASN A 392 6.77 2.80 18.64
N PHE A 393 8.10 2.78 18.63
CA PHE A 393 8.90 3.32 19.73
C PHE A 393 10.01 4.20 19.18
N LYS A 394 9.99 5.47 19.53
CA LYS A 394 11.12 6.37 19.29
C LYS A 394 12.01 6.30 20.53
N VAL A 395 13.21 5.77 20.38
CA VAL A 395 14.10 5.54 21.51
C VAL A 395 15.43 6.22 21.22
N ALA A 396 16.22 6.38 22.29
CA ALA A 396 17.50 7.08 22.11
C ALA A 396 18.50 6.23 21.35
N ASP A 397 18.41 4.91 21.46
CA ASP A 397 19.42 4.02 20.91
C ASP A 397 18.69 2.74 20.52
N ALA A 398 18.32 2.63 19.25
CA ALA A 398 17.54 1.47 18.82
C ALA A 398 18.32 0.17 19.01
N LYS A 399 19.61 0.18 18.68
CA LYS A 399 20.41 -1.04 18.77
C LYS A 399 20.54 -1.51 20.21
N ALA A 400 20.85 -0.59 21.12
CA ALA A 400 20.91 -0.95 22.54
C ALA A 400 19.55 -1.41 23.05
N SER A 401 18.47 -0.79 22.56
CA SER A 401 17.14 -1.19 23.03
C SER A 401 16.80 -2.60 22.59
N VAL A 402 17.03 -2.92 21.32
CA VAL A 402 16.82 -4.28 20.83
C VAL A 402 17.66 -5.27 21.62
N ALA A 403 18.90 -4.91 21.93
CA ALA A 403 19.76 -5.79 22.70
C ALA A 403 19.20 -6.06 24.09
N ARG A 404 18.61 -5.04 24.72
CA ARG A 404 18.00 -5.24 26.04
C ARG A 404 16.88 -6.25 25.96
N VAL A 405 16.08 -6.19 24.89
CA VAL A 405 14.98 -7.14 24.73
C VAL A 405 15.53 -8.55 24.57
N MET A 406 16.54 -8.71 23.70
CA MET A 406 17.01 -10.06 23.39
C MET A 406 17.72 -10.70 24.58
N GLU A 407 18.49 -9.90 25.31
CA GLU A 407 19.15 -10.41 26.52
C GLU A 407 18.14 -10.86 27.56
N HIS A 408 17.02 -10.12 27.69
CA HIS A 408 16.01 -10.47 28.67
C HIS A 408 15.41 -11.84 28.39
N TYR A 409 15.23 -12.19 27.13
CA TYR A 409 14.56 -13.42 26.71
C TYR A 409 15.52 -14.54 26.36
N ALA A 410 16.83 -14.33 26.46
CA ALA A 410 17.78 -15.33 25.99
C ALA A 410 17.61 -16.66 26.71
N SER A 411 17.28 -16.62 28.01
CA SER A 411 17.16 -17.85 28.77
C SER A 411 15.98 -18.71 28.34
N LEU A 412 15.04 -18.16 27.57
CA LEU A 412 13.92 -18.96 27.06
C LEU A 412 14.24 -19.66 25.74
N SER A 413 15.38 -19.37 25.15
CA SER A 413 15.83 -20.02 23.93
C SER A 413 14.80 -19.97 22.79
N PRO A 414 14.30 -18.79 22.43
CA PRO A 414 13.35 -18.72 21.31
C PRO A 414 14.03 -19.08 20.01
N GLU A 415 13.23 -19.53 19.05
CA GLU A 415 13.72 -19.69 17.69
C GLU A 415 13.82 -18.33 17.03
N LEU A 416 15.00 -17.98 16.54
CA LEU A 416 15.26 -16.65 16.01
C LEU A 416 15.34 -16.68 14.49
N ASP A 417 14.78 -15.66 13.88
CA ASP A 417 14.83 -15.46 12.44
C ASP A 417 15.14 -13.99 12.14
N TYR A 418 16.07 -13.76 11.21
CA TYR A 418 16.52 -12.42 10.90
C TYR A 418 16.10 -11.95 9.50
N THR A 419 14.97 -12.46 9.01
CA THR A 419 14.49 -12.05 7.69
C THR A 419 14.24 -10.54 7.62
N ASP A 420 13.78 -9.95 8.72
CA ASP A 420 13.40 -8.55 8.71
C ASP A 420 13.44 -8.10 10.17
N GLY A 421 14.59 -7.61 10.60
CA GLY A 421 14.77 -7.33 12.02
C GLY A 421 15.01 -8.62 12.76
N ILE A 422 14.32 -8.80 13.89
CA ILE A 422 14.40 -10.01 14.68
C ILE A 422 13.00 -10.55 14.88
N SER A 423 12.77 -11.79 14.49
CA SER A 423 11.57 -12.53 14.85
C SER A 423 11.98 -13.59 15.86
N ALA A 424 11.23 -13.69 16.96
CA ALA A 424 11.53 -14.63 18.03
C ALA A 424 10.26 -15.42 18.31
N ASP A 425 10.34 -16.74 18.16
CA ASP A 425 9.21 -17.65 18.31
C ASP A 425 9.44 -18.45 19.59
N PHE A 426 8.57 -18.23 20.59
CA PHE A 426 8.71 -18.87 21.88
C PHE A 426 7.84 -20.11 22.02
N GLY A 427 7.06 -20.44 20.99
CA GLY A 427 6.15 -21.56 21.10
C GLY A 427 4.71 -21.09 21.10
N GLN A 428 4.24 -20.57 22.23
CA GLN A 428 2.87 -20.07 22.32
C GLN A 428 2.74 -18.60 22.02
N TRP A 429 3.86 -17.90 21.80
CA TRP A 429 3.83 -16.49 21.44
C TRP A 429 5.08 -16.18 20.63
N ARG A 430 5.03 -15.09 19.88
CA ARG A 430 6.18 -14.67 19.10
C ARG A 430 6.13 -13.16 18.93
N PHE A 431 7.27 -12.59 18.58
CA PHE A 431 7.29 -11.18 18.23
C PHE A 431 8.19 -10.93 17.04
N ASN A 432 7.99 -9.77 16.42
CA ASN A 432 8.92 -9.23 15.45
C ASN A 432 9.26 -7.82 15.87
N LEU A 433 10.55 -7.49 15.82
CA LEU A 433 11.02 -6.17 16.21
C LEU A 433 11.94 -5.66 15.11
N ARG A 434 11.57 -4.53 14.52
CA ARG A 434 12.16 -4.01 13.29
C ARG A 434 12.49 -2.54 13.42
N SER A 435 13.62 -2.14 12.82
CA SER A 435 13.82 -0.76 12.45
C SER A 435 13.10 -0.48 11.14
N SER A 436 12.43 0.66 11.07
CA SER A 436 11.68 1.02 9.88
C SER A 436 12.61 1.49 8.76
N ASN A 437 12.19 1.22 7.52
CA ASN A 437 12.84 1.73 6.33
C ASN A 437 12.25 3.05 5.86
N THR A 438 11.19 3.52 6.51
CA THR A 438 10.56 4.79 6.17
C THR A 438 10.64 5.82 7.28
N GLU A 439 10.96 5.43 8.51
CA GLU A 439 11.10 6.33 9.65
C GLU A 439 12.20 5.80 10.56
N PRO A 440 12.84 6.65 11.36
CA PRO A 440 13.89 6.16 12.29
C PRO A 440 13.30 5.65 13.60
N LEU A 441 12.47 4.63 13.51
CA LEU A 441 11.71 4.09 14.64
C LEU A 441 11.99 2.60 14.80
N LEU A 442 11.63 2.07 15.98
CA LEU A 442 11.48 0.64 16.19
C LEU A 442 9.99 0.29 16.19
N ARG A 443 9.66 -0.81 15.50
N ARG A 443 9.66 -0.79 15.48
CA ARG A 443 8.28 -1.24 15.36
CA ARG A 443 8.29 -1.25 15.34
C ARG A 443 8.15 -2.64 15.93
C ARG A 443 8.19 -2.63 15.97
N LEU A 444 7.20 -2.81 16.85
CA LEU A 444 6.99 -4.08 17.53
C LEU A 444 5.67 -4.70 17.09
N ASN A 445 5.67 -6.02 16.84
CA ASN A 445 4.43 -6.76 16.65
C ASN A 445 4.51 -8.04 17.47
N VAL A 446 3.47 -8.32 18.23
CA VAL A 446 3.40 -9.52 19.05
C VAL A 446 2.11 -10.27 18.71
N GLU A 447 2.18 -11.61 18.68
CA GLU A 447 0.97 -12.42 18.57
C GLU A 447 1.13 -13.66 19.45
N THR A 448 0.00 -14.28 19.78
CA THR A 448 -0.01 -15.48 20.60
C THR A 448 -0.96 -16.51 20.03
N ARG A 449 -0.85 -17.73 20.55
CA ARG A 449 -1.73 -18.83 20.15
C ARG A 449 -2.96 -18.78 21.06
N GLY A 450 -3.91 -17.92 20.68
CA GLY A 450 -5.20 -17.87 21.34
C GLY A 450 -5.20 -17.37 22.78
N ASP A 451 -4.21 -16.59 23.20
CA ASP A 451 -4.04 -16.22 24.60
C ASP A 451 -3.90 -14.71 24.72
N ALA A 452 -5.01 -14.05 25.02
CA ALA A 452 -5.02 -12.59 25.14
C ALA A 452 -4.22 -12.12 26.35
N ALA A 453 -4.20 -12.91 27.43
CA ALA A 453 -3.47 -12.51 28.62
C ALA A 453 -1.98 -12.51 28.37
N LEU A 454 -1.47 -13.60 27.78
CA LEU A 454 -0.07 -13.68 27.41
C LEU A 454 0.30 -12.58 26.44
N LEU A 455 -0.61 -12.25 25.52
CA LEU A 455 -0.34 -11.18 24.57
C LEU A 455 -0.08 -9.87 25.30
N GLU A 456 -0.92 -9.54 26.27
CA GLU A 456 -0.77 -8.27 26.98
C GLU A 456 0.47 -8.27 27.86
N THR A 457 0.68 -9.34 28.65
CA THR A 457 1.83 -9.34 29.54
C THR A 457 3.15 -9.30 28.76
N ARG A 458 3.23 -10.02 27.65
CA ARG A 458 4.47 -9.97 26.88
C ARG A 458 4.64 -8.65 26.14
N THR A 459 3.56 -8.10 25.58
CA THR A 459 3.66 -6.79 24.94
C THR A 459 4.14 -5.74 25.94
N GLN A 460 3.55 -5.73 27.14
CA GLN A 460 3.95 -4.74 28.14
C GLN A 460 5.37 -4.97 28.60
N GLU A 461 5.78 -6.23 28.76
CA GLU A 461 7.15 -6.53 29.16
C GLU A 461 8.15 -6.02 28.13
N ILE A 462 7.90 -6.28 26.85
CA ILE A 462 8.79 -5.80 25.79
C ILE A 462 8.81 -4.28 25.75
N SER A 463 7.62 -3.66 25.85
CA SER A 463 7.51 -2.21 25.86
C SER A 463 8.37 -1.58 26.94
N ASN A 464 8.33 -2.16 28.14
CA ASN A 464 9.14 -1.65 29.25
C ASN A 464 10.61 -1.76 28.93
N LEU A 465 11.03 -2.88 28.33
CA LEU A 465 12.44 -3.04 27.97
C LEU A 465 12.86 -2.00 26.94
N LEU A 466 12.04 -1.80 25.90
CA LEU A 466 12.38 -0.87 24.84
C LEU A 466 12.54 0.55 25.37
N ARG A 467 11.68 0.95 26.31
CA ARG A 467 11.69 2.29 26.88
C ARG A 467 12.69 2.45 28.01
N GLY A 468 13.41 1.38 28.38
N GLY A 468 13.41 1.39 28.38
CA GLY A 468 14.34 1.43 29.49
CA GLY A 468 14.40 1.46 29.43
C GLY A 468 15.59 2.24 29.24
C GLY A 468 15.77 1.92 28.98
#